data_1XZM
#
_entry.id   1XZM
#
_cell.length_a   35.120
_cell.length_b   67.360
_cell.length_c   37.050
_cell.angle_alpha   90.00
_cell.angle_beta   93.90
_cell.angle_gamma   90.00
#
_symmetry.space_group_name_H-M   'P 1 21 1'
#
loop_
_entity.id
_entity.type
_entity.pdbx_description
1 polymer CUTINASE
2 non-polymer 'N-UNDECANYLPHOSPHONATE METHYL ESTER GROUP'
3 water water
#
_entity_poly.entity_id   1
_entity_poly.type   'polypeptide(L)'
_entity_poly.pdbx_seq_one_letter_code
;LPTSNPAQELEARQLERTTRDDLINGNSASCADVIFIYARGSTETGNLGTLGPSIASNLESAFGKDGVWIQGVGGAYRAT
LGDNALPRGTSSAAIREMLGLFQQANTKCPDATLIAGGYSQGAALAAASIEDLDSAIRDKIAGTVLFGYTKNLQNRGRIP
NYPADRTKVFCNTGDLVCTGSLIVAAPHLAYGPDARGPAPEFLIEKVRAVRGSA
;
_entity_poly.pdbx_strand_id   A
#
# COMPACT_ATOMS: atom_id res chain seq x y z
N ARG A 17 10.39 7.51 10.61
CA ARG A 17 9.13 7.58 11.43
C ARG A 17 7.96 7.62 10.46
N THR A 18 7.18 8.70 10.45
CA THR A 18 6.03 8.79 9.55
C THR A 18 6.36 9.18 8.12
N THR A 19 7.62 9.51 7.87
CA THR A 19 8.05 9.87 6.52
C THR A 19 9.23 8.98 6.11
N ARG A 20 9.04 8.26 5.02
CA ARG A 20 10.07 7.39 4.47
C ARG A 20 10.05 7.56 2.96
N ASP A 21 11.21 7.91 2.42
CA ASP A 21 11.37 8.11 0.98
C ASP A 21 12.58 7.30 0.52
N ASP A 22 12.65 6.04 0.94
CA ASP A 22 13.78 5.18 0.59
C ASP A 22 13.98 4.99 -0.92
N LEU A 23 12.89 4.90 -1.67
CA LEU A 23 12.98 4.72 -3.13
C LEU A 23 13.52 5.97 -3.81
N ILE A 24 12.97 7.13 -3.46
CA ILE A 24 13.41 8.39 -4.04
C ILE A 24 14.86 8.71 -3.67
N ASN A 25 15.23 8.44 -2.42
CA ASN A 25 16.58 8.73 -1.93
C ASN A 25 17.59 7.65 -2.28
N GLY A 26 17.10 6.44 -2.53
CA GLY A 26 17.97 5.32 -2.82
C GLY A 26 18.89 5.37 -4.02
N ASN A 27 20.06 4.75 -3.88
CA ASN A 27 21.04 4.69 -4.96
C ASN A 27 20.75 3.52 -5.87
N SER A 28 20.60 3.80 -7.17
CA SER A 28 20.32 2.76 -8.15
C SER A 28 21.41 1.69 -8.23
N ALA A 29 22.62 2.06 -7.83
CA ALA A 29 23.74 1.12 -7.86
C ALA A 29 23.68 0.10 -6.72
N SER A 30 22.90 0.41 -5.69
CA SER A 30 22.76 -0.47 -4.54
C SER A 30 21.27 -0.65 -4.19
N CYS A 31 20.52 -1.16 -5.15
CA CYS A 31 19.09 -1.39 -4.99
C CYS A 31 18.77 -2.43 -3.92
N ALA A 32 17.66 -2.23 -3.22
CA ALA A 32 17.21 -3.19 -2.22
C ALA A 32 16.53 -4.32 -3.00
N ASP A 33 16.37 -5.47 -2.37
CA ASP A 33 15.73 -6.61 -3.02
C ASP A 33 14.22 -6.48 -3.03
N VAL A 34 13.70 -5.75 -2.04
CA VAL A 34 12.26 -5.55 -1.89
C VAL A 34 11.94 -4.07 -1.73
N ILE A 35 10.91 -3.60 -2.43
CA ILE A 35 10.49 -2.20 -2.35
C ILE A 35 9.00 -2.18 -1.96
N PHE A 36 8.70 -1.50 -0.86
CA PHE A 36 7.34 -1.39 -0.34
C PHE A 36 6.80 0.02 -0.54
N ILE A 37 5.68 0.12 -1.25
CA ILE A 37 5.05 1.42 -1.52
C ILE A 37 3.72 1.44 -0.77
N TYR A 38 3.56 2.42 0.10
CA TYR A 38 2.39 2.51 0.95
C TYR A 38 1.68 3.85 0.94
N ALA A 39 0.35 3.82 0.91
CA ALA A 39 -0.46 5.04 0.90
C ALA A 39 -1.25 5.15 2.22
N ARG A 40 -1.09 6.28 2.89
CA ARG A 40 -1.74 6.55 4.17
C ARG A 40 -3.24 6.87 4.06
N GLY A 41 -3.89 6.95 5.22
CA GLY A 41 -5.31 7.27 5.26
C GLY A 41 -5.56 8.76 5.25
N SER A 42 -6.83 9.14 5.23
CA SER A 42 -7.19 10.55 5.19
C SER A 42 -6.72 11.32 6.43
N THR A 43 -6.20 12.51 6.19
CA THR A 43 -5.73 13.41 7.24
C THR A 43 -4.52 12.92 8.04
N GLU A 44 -3.91 11.82 7.63
CA GLU A 44 -2.74 11.31 8.33
C GLU A 44 -1.47 12.08 8.00
N THR A 45 -0.50 12.02 8.89
CA THR A 45 0.76 12.76 8.72
C THR A 45 1.85 12.05 7.95
N GLY A 46 2.87 12.82 7.55
CA GLY A 46 3.99 12.29 6.78
C GLY A 46 3.45 11.60 5.55
N ASN A 47 4.10 10.53 5.13
CA ASN A 47 3.61 9.77 3.99
C ASN A 47 3.31 8.32 4.36
N LEU A 48 3.41 8.01 5.65
CA LEU A 48 3.12 6.67 6.16
C LEU A 48 1.94 6.63 7.13
N GLY A 49 1.63 7.76 7.76
CA GLY A 49 0.52 7.80 8.70
C GLY A 49 0.68 6.95 9.96
N THR A 50 -0.43 6.46 10.49
CA THR A 50 -0.43 5.68 11.72
C THR A 50 -0.05 4.20 11.60
N LEU A 51 -0.38 3.57 10.47
CA LEU A 51 -0.10 2.15 10.28
C LEU A 51 1.21 1.79 9.59
N GLY A 52 1.61 2.64 8.64
CA GLY A 52 2.82 2.39 7.87
C GLY A 52 4.09 2.09 8.65
N PRO A 53 4.44 2.88 9.68
CA PRO A 53 5.66 2.64 10.47
C PRO A 53 5.73 1.23 11.08
N SER A 54 4.61 0.73 11.56
CA SER A 54 4.56 -0.61 12.16
C SER A 54 4.87 -1.69 11.13
N ILE A 55 4.31 -1.54 9.94
CA ILE A 55 4.58 -2.51 8.89
C ILE A 55 6.05 -2.42 8.51
N ALA A 56 6.55 -1.19 8.35
CA ALA A 56 7.93 -0.96 7.97
C ALA A 56 8.94 -1.61 8.90
N SER A 57 8.77 -1.42 10.21
CA SER A 57 9.68 -2.01 11.19
C SER A 57 9.80 -3.51 11.06
N ASN A 58 8.66 -4.18 10.84
CA ASN A 58 8.65 -5.63 10.70
C ASN A 58 9.27 -6.09 9.39
N LEU A 59 9.12 -5.32 8.33
CA LEU A 59 9.72 -5.68 7.05
C LEU A 59 11.24 -5.58 7.18
N GLU A 60 11.69 -4.52 7.86
CA GLU A 60 13.13 -4.30 8.06
C GLU A 60 13.72 -5.44 8.89
N SER A 61 12.97 -5.93 9.88
CA SER A 61 13.44 -7.03 10.69
C SER A 61 13.62 -8.30 9.85
N ALA A 62 12.73 -8.50 8.89
CA ALA A 62 12.77 -9.69 8.04
C ALA A 62 13.82 -9.66 6.94
N PHE A 63 13.95 -8.51 6.27
CA PHE A 63 14.88 -8.39 5.16
C PHE A 63 16.15 -7.57 5.44
N GLY A 64 16.20 -6.93 6.61
CA GLY A 64 17.35 -6.10 6.94
C GLY A 64 17.13 -4.69 6.41
N LYS A 65 17.73 -3.70 7.07
CA LYS A 65 17.56 -2.31 6.64
C LYS A 65 17.96 -2.08 5.19
N ASP A 66 19.04 -2.70 4.76
CA ASP A 66 19.51 -2.54 3.38
C ASP A 66 18.78 -3.46 2.40
N GLY A 67 18.00 -4.40 2.94
CA GLY A 67 17.29 -5.34 2.10
C GLY A 67 15.93 -4.88 1.61
N VAL A 68 15.36 -3.88 2.28
CA VAL A 68 14.05 -3.37 1.89
C VAL A 68 13.97 -1.85 1.91
N TRP A 69 13.33 -1.29 0.88
CA TRP A 69 13.15 0.15 0.80
C TRP A 69 11.68 0.46 1.09
N ILE A 70 11.45 1.35 2.05
CA ILE A 70 10.10 1.76 2.43
C ILE A 70 9.83 3.12 1.77
N GLN A 71 8.76 3.20 1.00
CA GLN A 71 8.40 4.43 0.30
C GLN A 71 6.93 4.78 0.48
N GLY A 72 6.66 5.90 1.14
CA GLY A 72 5.28 6.34 1.31
C GLY A 72 4.88 7.16 0.10
N VAL A 73 3.58 7.28 -0.14
CA VAL A 73 3.10 8.07 -1.26
C VAL A 73 2.84 9.47 -0.77
N GLY A 74 3.71 10.40 -1.15
CA GLY A 74 3.56 11.79 -0.73
C GLY A 74 3.28 12.63 -1.95
N GLY A 75 4.07 13.68 -2.15
CA GLY A 75 3.87 14.54 -3.31
C GLY A 75 2.46 15.06 -3.43
N ALA A 76 1.82 14.77 -4.56
CA ALA A 76 0.45 15.21 -4.84
C ALA A 76 -0.63 14.55 -3.98
N TYR A 77 -0.30 13.45 -3.32
CA TYR A 77 -1.31 12.79 -2.48
C TYR A 77 -1.43 13.54 -1.17
N ARG A 78 -2.48 14.35 -1.06
CA ARG A 78 -2.75 15.17 0.12
C ARG A 78 -3.59 14.46 1.18
N ALA A 79 -4.13 13.29 0.83
CA ALA A 79 -4.97 12.50 1.73
C ALA A 79 -6.13 13.34 2.26
N THR A 80 -6.77 14.09 1.36
CA THR A 80 -7.90 14.96 1.70
C THR A 80 -9.16 14.14 1.90
N LEU A 81 -9.78 14.27 3.08
CA LEU A 81 -11.00 13.53 3.41
C LEU A 81 -12.09 13.59 2.33
N GLY A 82 -12.33 14.78 1.80
CA GLY A 82 -13.36 14.95 0.79
C GLY A 82 -13.19 14.11 -0.46
N ASP A 83 -11.94 13.80 -0.82
CA ASP A 83 -11.66 13.02 -2.02
C ASP A 83 -12.18 11.58 -1.97
N ASN A 84 -12.60 11.11 -0.79
CA ASN A 84 -13.16 9.76 -0.67
C ASN A 84 -14.44 9.66 -1.49
N ALA A 85 -15.07 10.80 -1.73
CA ALA A 85 -16.34 10.86 -2.47
C ALA A 85 -16.19 10.86 -3.98
N LEU A 86 -14.96 11.06 -4.47
CA LEU A 86 -14.71 11.07 -5.91
C LEU A 86 -14.91 9.67 -6.47
N PRO A 87 -15.24 9.55 -7.77
CA PRO A 87 -15.47 8.27 -8.45
C PRO A 87 -14.61 7.08 -8.01
N ARG A 88 -13.29 7.22 -8.02
CA ARG A 88 -12.42 6.12 -7.66
C ARG A 88 -12.02 6.07 -6.18
N GLY A 89 -12.63 6.92 -5.37
CA GLY A 89 -12.33 6.93 -3.95
C GLY A 89 -11.13 7.78 -3.58
N THR A 90 -10.57 8.48 -4.57
CA THR A 90 -9.42 9.36 -4.35
C THR A 90 -9.30 10.27 -5.59
N SER A 91 -8.34 11.18 -5.58
CA SER A 91 -8.18 12.11 -6.71
C SER A 91 -7.33 11.55 -7.84
N SER A 92 -7.50 12.12 -9.03
CA SER A 92 -6.72 11.70 -10.19
C SER A 92 -5.25 12.02 -9.94
N ALA A 93 -5.00 13.16 -9.30
CA ALA A 93 -3.63 13.59 -9.00
C ALA A 93 -2.92 12.58 -8.11
N ALA A 94 -3.63 12.04 -7.12
CA ALA A 94 -3.05 11.06 -6.21
C ALA A 94 -2.68 9.77 -6.96
N ILE A 95 -3.57 9.34 -7.84
CA ILE A 95 -3.34 8.12 -8.63
C ILE A 95 -2.09 8.29 -9.49
N ARG A 96 -1.96 9.47 -10.11
CA ARG A 96 -0.79 9.76 -10.94
C ARG A 96 0.49 9.69 -10.10
N GLU A 97 0.41 10.16 -8.86
CA GLU A 97 1.55 10.15 -7.95
C GLU A 97 2.00 8.72 -7.64
N MET A 98 1.06 7.85 -7.26
CA MET A 98 1.40 6.48 -6.93
C MET A 98 1.89 5.70 -8.15
N LEU A 99 1.25 5.92 -9.30
CA LEU A 99 1.68 5.27 -10.54
C LEU A 99 3.13 5.65 -10.80
N GLY A 100 3.44 6.92 -10.58
CA GLY A 100 4.80 7.42 -10.80
C GLY A 100 5.83 6.73 -9.92
N LEU A 101 5.44 6.39 -8.69
CA LEU A 101 6.34 5.71 -7.77
C LEU A 101 6.60 4.28 -8.22
N PHE A 102 5.55 3.60 -8.68
CA PHE A 102 5.70 2.22 -9.18
C PHE A 102 6.63 2.26 -10.39
N GLN A 103 6.44 3.25 -11.25
CA GLN A 103 7.27 3.39 -12.44
C GLN A 103 8.72 3.68 -12.09
N GLN A 104 8.93 4.51 -11.07
CA GLN A 104 10.29 4.83 -10.61
C GLN A 104 10.97 3.57 -10.06
N ALA A 105 10.22 2.75 -9.33
CA ALA A 105 10.78 1.53 -8.77
C ALA A 105 11.22 0.58 -9.86
N ASN A 106 10.37 0.43 -10.87
CA ASN A 106 10.62 -0.45 -12.00
C ASN A 106 11.86 -0.01 -12.80
N THR A 107 12.03 1.29 -12.96
CA THR A 107 13.16 1.85 -13.69
C THR A 107 14.46 1.82 -12.89
N LYS A 108 14.39 2.28 -11.64
CA LYS A 108 15.55 2.34 -10.75
C LYS A 108 16.05 0.95 -10.34
N CYS A 109 15.14 0.04 -10.03
CA CYS A 109 15.51 -1.31 -9.58
C CYS A 109 14.66 -2.37 -10.26
N PRO A 110 14.96 -2.69 -11.53
CA PRO A 110 14.20 -3.70 -12.27
C PRO A 110 14.14 -5.11 -11.68
N ASP A 111 15.10 -5.48 -10.85
CA ASP A 111 15.09 -6.83 -10.26
C ASP A 111 14.45 -6.93 -8.88
N ALA A 112 14.00 -5.80 -8.34
CA ALA A 112 13.40 -5.82 -7.01
C ALA A 112 11.97 -6.35 -7.03
N THR A 113 11.58 -7.02 -5.95
CA THR A 113 10.23 -7.54 -5.82
C THR A 113 9.46 -6.41 -5.15
N LEU A 114 8.28 -6.10 -5.65
CA LEU A 114 7.49 -5.02 -5.08
C LEU A 114 6.37 -5.56 -4.21
N ILE A 115 5.97 -4.75 -3.22
CA ILE A 115 4.86 -5.06 -2.33
C ILE A 115 4.18 -3.73 -2.07
N ALA A 116 2.89 -3.74 -1.80
CA ALA A 116 2.18 -2.49 -1.60
C ALA A 116 1.13 -2.58 -0.52
N GLY A 117 0.62 -1.42 -0.11
CA GLY A 117 -0.41 -1.40 0.90
C GLY A 117 -1.04 -0.04 0.99
N GLY A 118 -2.20 0.03 1.64
CA GLY A 118 -2.89 1.28 1.80
C GLY A 118 -3.94 1.16 2.87
N TYR A 119 -4.27 2.29 3.50
CA TYR A 119 -5.28 2.33 4.55
C TYR A 119 -6.33 3.36 4.20
N SER A 120 -7.60 2.96 4.30
CA SER A 120 -8.71 3.87 4.04
C SER A 120 -8.62 4.47 2.63
N GLN A 121 -8.52 5.79 2.50
CA GLN A 121 -8.40 6.41 1.18
C GLN A 121 -7.17 5.84 0.47
N GLY A 122 -6.12 5.56 1.25
CA GLY A 122 -4.91 4.99 0.70
C GLY A 122 -5.14 3.61 0.11
N ALA A 123 -6.11 2.87 0.63
CA ALA A 123 -6.45 1.55 0.11
C ALA A 123 -7.13 1.70 -1.25
N ALA A 124 -8.00 2.71 -1.36
CA ALA A 124 -8.69 2.97 -2.62
C ALA A 124 -7.65 3.45 -3.64
N LEU A 125 -6.71 4.25 -3.18
CA LEU A 125 -5.64 4.77 -4.05
C LEU A 125 -4.77 3.62 -4.54
N ALA A 126 -4.42 2.70 -3.64
CA ALA A 126 -3.61 1.55 -4.01
C ALA A 126 -4.34 0.71 -5.06
N ALA A 127 -5.63 0.46 -4.86
CA ALA A 127 -6.43 -0.33 -5.78
C ALA A 127 -6.53 0.34 -7.16
N ALA A 128 -6.79 1.64 -7.18
CA ALA A 128 -6.92 2.38 -8.42
C ALA A 128 -5.60 2.41 -9.20
N SER A 129 -4.51 2.65 -8.48
CA SER A 129 -3.18 2.70 -9.10
C SER A 129 -2.80 1.35 -9.71
N ILE A 130 -3.00 0.27 -8.95
CA ILE A 130 -2.67 -1.07 -9.41
C ILE A 130 -3.53 -1.45 -10.63
N GLU A 131 -4.80 -1.05 -10.61
CA GLU A 131 -5.68 -1.33 -11.74
C GLU A 131 -5.20 -0.66 -13.03
N ASP A 132 -4.70 0.58 -12.91
CA ASP A 132 -4.21 1.33 -14.07
C ASP A 132 -2.79 1.00 -14.52
N LEU A 133 -2.02 0.40 -13.63
CA LEU A 133 -0.62 0.06 -13.91
C LEU A 133 -0.39 -0.82 -15.13
N ASP A 134 0.75 -0.61 -15.78
CA ASP A 134 1.11 -1.43 -16.92
C ASP A 134 1.27 -2.83 -16.34
N SER A 135 0.70 -3.82 -17.02
CA SER A 135 0.75 -5.20 -16.55
C SER A 135 2.13 -5.72 -16.17
N ALA A 136 3.16 -5.35 -16.92
CA ALA A 136 4.51 -5.80 -16.63
C ALA A 136 5.01 -5.38 -15.25
N ILE A 137 4.57 -4.20 -14.81
CA ILE A 137 4.97 -3.70 -13.49
C ILE A 137 4.05 -4.27 -12.42
N ARG A 138 2.75 -4.30 -12.72
CA ARG A 138 1.75 -4.83 -11.80
C ARG A 138 2.10 -6.25 -11.40
N ASP A 139 2.57 -7.04 -12.37
CA ASP A 139 2.92 -8.43 -12.15
C ASP A 139 4.12 -8.61 -11.21
N LYS A 140 4.84 -7.53 -10.94
CA LYS A 140 5.99 -7.57 -10.04
C LYS A 140 5.58 -7.35 -8.57
N ILE A 141 4.34 -6.94 -8.34
CA ILE A 141 3.86 -6.72 -6.97
C ILE A 141 3.44 -8.07 -6.41
N ALA A 142 4.31 -8.65 -5.59
CA ALA A 142 4.08 -9.96 -5.01
C ALA A 142 2.93 -10.06 -4.01
N GLY A 143 2.55 -8.94 -3.40
CA GLY A 143 1.48 -8.96 -2.43
C GLY A 143 1.04 -7.55 -2.08
N THR A 144 -0.24 -7.38 -1.79
CA THR A 144 -0.78 -6.07 -1.44
C THR A 144 -1.72 -6.24 -0.25
N VAL A 145 -1.59 -5.34 0.74
CA VAL A 145 -2.45 -5.37 1.92
C VAL A 145 -3.29 -4.10 1.97
N LEU A 146 -4.59 -4.26 2.22
CA LEU A 146 -5.51 -3.12 2.28
C LEU A 146 -6.23 -3.12 3.61
N PHE A 147 -6.17 -2.00 4.33
CA PHE A 147 -6.87 -1.89 5.63
C PHE A 147 -8.04 -0.93 5.46
N GLY A 148 -9.20 -1.29 6.00
CA GLY A 148 -10.37 -0.42 5.90
C GLY A 148 -10.59 0.04 4.46
N TYR A 149 -10.60 -0.95 3.56
CA TYR A 149 -10.76 -0.78 2.13
C TYR A 149 -12.11 -0.14 1.79
N THR A 150 -12.08 1.14 1.41
CA THR A 150 -13.29 1.90 1.10
C THR A 150 -14.10 1.42 -0.11
N LYS A 151 -13.46 0.63 -0.97
CA LYS A 151 -14.15 0.09 -2.15
C LYS A 151 -14.33 -1.43 -2.01
N ASN A 152 -14.33 -1.92 -0.78
CA ASN A 152 -14.47 -3.35 -0.51
C ASN A 152 -15.75 -3.96 -1.09
N LEU A 153 -16.89 -3.37 -0.80
CA LEU A 153 -18.16 -3.89 -1.31
C LEU A 153 -18.24 -3.72 -2.82
N GLN A 154 -17.94 -2.52 -3.30
CA GLN A 154 -18.00 -2.20 -4.73
C GLN A 154 -17.12 -3.08 -5.59
N ASN A 155 -15.93 -3.42 -5.09
CA ASN A 155 -15.00 -4.27 -5.83
C ASN A 155 -15.03 -5.73 -5.42
N ARG A 156 -16.00 -6.11 -4.60
CA ARG A 156 -16.14 -7.49 -4.15
C ARG A 156 -14.87 -8.01 -3.46
N GLY A 157 -14.22 -7.16 -2.68
CA GLY A 157 -13.01 -7.55 -1.96
C GLY A 157 -11.78 -7.81 -2.82
N ARG A 158 -11.79 -7.32 -4.05
CA ARG A 158 -10.66 -7.53 -4.97
C ARG A 158 -10.09 -6.22 -5.45
N ILE A 159 -8.93 -6.30 -6.08
CA ILE A 159 -8.29 -5.14 -6.72
C ILE A 159 -8.42 -5.53 -8.19
N PRO A 160 -9.07 -4.68 -9.01
CA PRO A 160 -9.23 -5.00 -10.43
C PRO A 160 -7.92 -5.34 -11.14
N ASN A 161 -7.96 -6.40 -11.94
CA ASN A 161 -6.80 -6.87 -12.72
C ASN A 161 -5.66 -7.42 -11.86
N TYR A 162 -5.94 -7.73 -10.61
CA TYR A 162 -4.90 -8.23 -9.71
C TYR A 162 -5.40 -9.52 -9.04
N PRO A 163 -4.55 -10.57 -9.01
CA PRO A 163 -4.95 -11.84 -8.39
C PRO A 163 -5.36 -11.82 -6.93
N ALA A 164 -6.38 -12.61 -6.62
CA ALA A 164 -6.90 -12.71 -5.26
C ALA A 164 -5.89 -13.29 -4.28
N ASP A 165 -5.07 -14.23 -4.75
CA ASP A 165 -4.08 -14.86 -3.87
C ASP A 165 -2.98 -13.93 -3.41
N ARG A 166 -2.81 -12.81 -4.12
CA ARG A 166 -1.78 -11.82 -3.76
C ARG A 166 -2.41 -10.65 -3.03
N THR A 167 -3.70 -10.75 -2.74
CA THR A 167 -4.41 -9.67 -2.06
C THR A 167 -4.88 -10.08 -0.66
N LYS A 168 -4.71 -9.18 0.31
CA LYS A 168 -5.21 -9.44 1.65
C LYS A 168 -5.92 -8.19 2.15
N VAL A 169 -7.21 -8.34 2.41
CA VAL A 169 -8.02 -7.23 2.89
C VAL A 169 -8.33 -7.39 4.38
N PHE A 170 -8.12 -6.31 5.13
CA PHE A 170 -8.41 -6.28 6.56
C PHE A 170 -9.58 -5.32 6.70
N CYS A 171 -10.76 -5.88 6.96
CA CYS A 171 -11.97 -5.09 7.11
C CYS A 171 -12.67 -5.54 8.38
N ASN A 172 -12.64 -4.69 9.39
CA ASN A 172 -13.25 -4.98 10.70
C ASN A 172 -14.76 -4.99 10.64
N THR A 173 -15.37 -5.85 11.45
CA THR A 173 -16.82 -5.91 11.55
C THR A 173 -17.21 -4.56 12.16
N GLY A 174 -18.18 -3.88 11.55
CA GLY A 174 -18.59 -2.59 12.07
C GLY A 174 -17.88 -1.43 11.38
N ASP A 175 -16.88 -1.71 10.54
CA ASP A 175 -16.20 -0.63 9.82
C ASP A 175 -17.09 -0.39 8.60
N LEU A 176 -17.90 0.65 8.70
CA LEU A 176 -18.86 1.01 7.66
C LEU A 176 -18.31 1.25 6.25
N VAL A 177 -17.05 1.64 6.13
CA VAL A 177 -16.49 1.87 4.80
C VAL A 177 -16.31 0.58 4.02
N CYS A 178 -16.27 -0.54 4.72
CA CYS A 178 -16.10 -1.84 4.07
C CYS A 178 -17.42 -2.38 3.58
N THR A 179 -18.50 -1.71 3.98
CA THR A 179 -19.81 -2.17 3.61
C THR A 179 -20.58 -1.16 2.73
N GLY A 180 -19.83 -0.37 1.96
CA GLY A 180 -20.43 0.57 1.03
C GLY A 180 -20.76 1.97 1.50
N SER A 181 -20.36 2.31 2.72
CA SER A 181 -20.63 3.62 3.29
C SER A 181 -19.33 4.42 3.43
N LEU A 182 -19.47 5.71 3.73
CA LEU A 182 -18.29 6.56 3.92
C LEU A 182 -18.29 7.13 5.33
N ILE A 183 -19.09 6.52 6.20
CA ILE A 183 -19.15 6.95 7.59
C ILE A 183 -17.96 6.36 8.34
N VAL A 184 -17.31 7.18 9.15
CA VAL A 184 -16.18 6.74 9.93
C VAL A 184 -16.61 6.38 11.35
N ALA A 185 -16.57 5.09 11.67
CA ALA A 185 -16.95 4.59 12.99
C ALA A 185 -15.70 4.06 13.70
N ALA A 186 -15.83 3.77 14.99
CA ALA A 186 -14.70 3.28 15.79
C ALA A 186 -13.88 2.12 15.19
N PRO A 187 -14.55 1.08 14.66
CA PRO A 187 -13.80 -0.05 14.08
C PRO A 187 -12.83 0.36 12.95
N HIS A 188 -13.07 1.50 12.30
CA HIS A 188 -12.20 1.97 11.22
C HIS A 188 -10.82 2.37 11.75
N LEU A 189 -10.76 2.72 13.04
CA LEU A 189 -9.51 3.13 13.68
C LEU A 189 -8.86 2.02 14.49
N ALA A 190 -9.28 0.78 14.27
CA ALA A 190 -8.75 -0.33 15.05
C ALA A 190 -7.93 -1.33 14.24
N TYR A 191 -7.07 -0.84 13.37
CA TYR A 191 -6.24 -1.73 12.57
C TYR A 191 -4.81 -1.90 13.08
N GLY A 192 -4.50 -1.26 14.21
CA GLY A 192 -3.17 -1.36 14.79
C GLY A 192 -2.63 -2.77 14.91
N PRO A 193 -3.34 -3.69 15.57
CA PRO A 193 -2.89 -5.08 15.71
C PRO A 193 -2.60 -5.77 14.37
N ASP A 194 -3.43 -5.50 13.36
CA ASP A 194 -3.23 -6.09 12.03
C ASP A 194 -1.95 -5.60 11.40
N ALA A 195 -1.65 -4.31 11.54
CA ALA A 195 -0.43 -3.73 10.97
C ALA A 195 0.82 -4.25 11.67
N ARG A 196 0.68 -4.66 12.93
CA ARG A 196 1.80 -5.18 13.71
C ARG A 196 2.09 -6.65 13.46
N GLY A 197 1.08 -7.41 13.05
CA GLY A 197 1.30 -8.85 12.86
C GLY A 197 0.92 -9.47 11.52
N PRO A 198 -0.37 -9.79 11.31
CA PRO A 198 -0.81 -10.42 10.06
C PRO A 198 -0.50 -9.71 8.75
N ALA A 199 -0.52 -8.37 8.73
CA ALA A 199 -0.22 -7.64 7.49
C ALA A 199 1.25 -7.88 7.07
N PRO A 200 2.22 -7.57 7.95
CA PRO A 200 3.60 -7.83 7.53
C PRO A 200 3.86 -9.33 7.33
N GLU A 201 3.20 -10.17 8.12
CA GLU A 201 3.38 -11.61 7.97
C GLU A 201 3.01 -12.04 6.55
N PHE A 202 1.88 -11.53 6.06
CA PHE A 202 1.41 -11.84 4.71
C PHE A 202 2.40 -11.35 3.65
N LEU A 203 2.84 -10.10 3.78
CA LEU A 203 3.79 -9.52 2.83
C LEU A 203 5.11 -10.28 2.78
N ILE A 204 5.63 -10.66 3.94
CA ILE A 204 6.89 -11.41 4.03
C ILE A 204 6.72 -12.77 3.36
N GLU A 205 5.60 -13.42 3.64
CA GLU A 205 5.30 -14.73 3.06
C GLU A 205 5.23 -14.66 1.54
N LYS A 206 4.55 -13.64 1.02
CA LYS A 206 4.41 -13.48 -0.43
C LYS A 206 5.72 -13.17 -1.14
N VAL A 207 6.59 -12.42 -0.49
CA VAL A 207 7.90 -12.10 -1.06
C VAL A 207 8.75 -13.37 -1.08
N ARG A 208 8.76 -14.10 0.03
CA ARG A 208 9.55 -15.33 0.10
C ARG A 208 9.05 -16.41 -0.84
N ALA A 209 7.76 -16.41 -1.15
CA ALA A 209 7.18 -17.40 -2.06
C ALA A 209 7.83 -17.29 -3.44
N VAL A 210 8.14 -16.06 -3.84
CA VAL A 210 8.75 -15.85 -5.16
C VAL A 210 10.26 -15.69 -5.15
N ARG A 211 10.83 -15.17 -4.06
CA ARG A 211 12.27 -14.98 -4.01
C ARG A 211 13.00 -16.12 -3.34
N GLY A 212 12.26 -16.97 -2.63
CA GLY A 212 12.88 -18.05 -1.90
C GLY A 212 13.36 -17.40 -0.62
N SER A 213 14.43 -17.92 -0.03
CA SER A 213 14.94 -17.34 1.21
C SER A 213 16.40 -17.73 1.41
#